data_1FYG
#
_entry.id   1FYG
#
_cell.length_a   1.000
_cell.length_b   1.000
_cell.length_c   1.000
_cell.angle_alpha   90.00
_cell.angle_beta   90.00
_cell.angle_gamma   90.00
#
_symmetry.space_group_name_H-M   'P 1'
#
_entity_poly.entity_id   1
_entity_poly.type   'polypeptide(L)'
_entity_poly.pdbx_seq_one_letter_code
;CKAAGKPCSRIAYNCCTGSCRSGKC
;
_entity_poly.pdbx_strand_id   A
#
# COMPACT_ATOMS: atom_id res chain seq x y z
N CYS A 1 9.99 3.99 1.23
CA CYS A 1 9.40 2.66 1.26
C CYS A 1 8.30 2.62 2.30
N LYS A 2 7.26 1.82 2.03
CA LYS A 2 6.12 1.62 2.94
C LYS A 2 6.20 0.17 3.37
N ALA A 3 5.51 -0.33 4.43
CA ALA A 3 5.69 -1.71 4.86
C ALA A 3 4.41 -2.46 4.62
N ALA A 4 4.45 -3.57 3.85
CA ALA A 4 3.21 -4.26 3.45
C ALA A 4 2.44 -4.69 4.67
N GLY A 5 1.09 -4.54 4.67
CA GLY A 5 0.28 -4.85 5.86
C GLY A 5 -0.27 -3.62 6.55
N LYS A 6 0.12 -2.38 6.16
CA LYS A 6 -0.30 -1.17 6.86
C LYS A 6 -1.21 -0.33 5.99
N PRO A 7 -1.94 0.69 6.53
CA PRO A 7 -2.90 1.46 5.72
C PRO A 7 -2.35 2.11 4.47
N CYS A 8 -2.73 1.63 3.25
CA CYS A 8 -2.47 2.33 2.00
C CYS A 8 -3.75 2.50 1.20
N SER A 9 -3.85 3.55 0.34
CA SER A 9 -5.05 3.77 -0.44
C SER A 9 -4.70 3.67 -1.91
N ARG A 10 -5.49 2.88 -2.69
CA ARG A 10 -5.19 2.63 -4.10
C ARG A 10 -5.19 3.82 -5.04
N ILE A 11 -5.32 5.09 -4.57
CA ILE A 11 -5.16 6.24 -5.45
C ILE A 11 -3.72 6.71 -5.39
N ALA A 12 -3.04 6.63 -4.23
CA ALA A 12 -1.64 7.05 -4.14
C ALA A 12 -0.84 5.81 -3.76
N TYR A 13 -0.07 5.20 -4.70
CA TYR A 13 0.70 4.02 -4.34
C TYR A 13 2.16 4.41 -4.35
N ASN A 14 2.85 4.42 -3.18
CA ASN A 14 4.31 4.39 -3.13
C ASN A 14 4.67 3.27 -2.17
N CYS A 15 4.51 1.97 -2.53
CA CYS A 15 4.71 0.90 -1.54
C CYS A 15 6.10 0.34 -1.65
N CYS A 16 6.59 -0.42 -0.64
CA CYS A 16 7.85 -1.14 -0.88
C CYS A 16 7.52 -2.08 -2.02
N THR A 17 6.80 -3.19 -1.75
CA THR A 17 6.39 -4.11 -2.80
C THR A 17 4.93 -4.47 -2.66
N GLY A 18 4.13 -4.53 -3.75
CA GLY A 18 2.80 -5.13 -3.68
C GLY A 18 1.73 -4.32 -4.36
N SER A 19 0.45 -4.57 -3.99
CA SER A 19 -0.71 -3.94 -4.61
C SER A 19 -1.55 -3.28 -3.53
N CYS A 20 -2.09 -2.06 -3.75
CA CYS A 20 -2.88 -1.41 -2.70
C CYS A 20 -4.31 -1.86 -2.86
N ARG A 21 -4.88 -2.49 -1.80
CA ARG A 21 -6.25 -2.96 -1.78
C ARG A 21 -6.89 -2.20 -0.64
N SER A 22 -8.19 -1.83 -0.69
CA SER A 22 -8.78 -0.87 0.26
C SER A 22 -8.33 -1.07 1.69
N GLY A 23 -7.12 -0.53 2.01
CA GLY A 23 -6.57 -0.58 3.37
C GLY A 23 -5.28 -1.34 3.53
N LYS A 24 -4.87 -2.24 2.61
CA LYS A 24 -3.65 -3.04 2.80
C LYS A 24 -2.66 -2.69 1.72
N CYS A 25 -1.32 -2.55 1.99
CA CYS A 25 -0.35 -2.72 0.89
C CYS A 25 0.31 -4.06 1.05
N CYS A 1 11.51 2.19 3.41
CA CYS A 1 10.49 2.40 2.39
C CYS A 1 9.15 2.22 3.07
N LYS A 2 8.08 1.72 2.40
CA LYS A 2 6.77 1.61 3.05
C LYS A 2 6.53 0.15 3.39
N ALA A 3 5.41 -0.17 4.07
CA ALA A 3 5.24 -1.47 4.71
C ALA A 3 4.05 -2.23 4.15
N ALA A 4 4.28 -3.38 3.49
CA ALA A 4 3.17 -4.22 3.05
C ALA A 4 2.45 -4.69 4.29
N GLY A 5 1.10 -4.53 4.42
CA GLY A 5 0.45 -4.56 5.74
C GLY A 5 -0.08 -3.26 6.30
N LYS A 6 0.12 -2.03 5.72
CA LYS A 6 -0.22 -0.78 6.41
C LYS A 6 -1.28 0.01 5.68
N PRO A 7 -2.00 0.99 6.33
CA PRO A 7 -3.04 1.75 5.64
C PRO A 7 -2.71 2.13 4.20
N CYS A 8 -3.55 1.63 3.25
CA CYS A 8 -3.34 1.64 1.81
C CYS A 8 -4.47 2.41 1.17
N SER A 9 -4.23 3.44 0.33
CA SER A 9 -5.34 4.18 -0.26
C SER A 9 -4.99 4.34 -1.72
N ARG A 10 -5.69 3.54 -2.57
CA ARG A 10 -5.46 3.46 -4.02
C ARG A 10 -5.68 4.73 -4.84
N ILE A 11 -5.28 5.93 -4.36
CA ILE A 11 -5.29 7.12 -5.21
C ILE A 11 -3.84 7.37 -5.59
N ALA A 12 -2.88 7.32 -4.64
CA ALA A 12 -1.46 7.30 -5.00
C ALA A 12 -0.85 6.04 -4.45
N TYR A 13 -0.07 5.21 -5.20
CA TYR A 13 0.72 4.17 -4.52
C TYR A 13 2.18 4.43 -4.86
N ASN A 14 3.10 4.59 -3.88
CA ASN A 14 4.51 4.18 -3.97
C ASN A 14 4.82 3.01 -3.04
N CYS A 15 4.45 1.70 -3.13
CA CYS A 15 4.70 0.82 -1.97
C CYS A 15 5.92 -0.01 -2.25
N CYS A 16 6.57 -0.54 -1.19
CA CYS A 16 7.86 -1.21 -1.39
C CYS A 16 7.61 -2.43 -2.25
N THR A 17 6.86 -3.43 -1.74
CA THR A 17 6.47 -4.59 -2.54
C THR A 17 4.97 -4.71 -2.60
N GLY A 18 4.27 -4.54 -3.77
CA GLY A 18 2.93 -5.11 -3.90
C GLY A 18 1.81 -4.29 -4.51
N SER A 19 0.57 -4.60 -4.03
CA SER A 19 -0.72 -4.29 -4.66
C SER A 19 -1.58 -3.45 -3.76
N CYS A 20 -2.17 -2.27 -4.05
CA CYS A 20 -2.61 -1.43 -2.94
C CYS A 20 -4.09 -1.79 -2.88
N ARG A 21 -4.36 -2.34 -1.67
CA ARG A 21 -5.39 -3.29 -1.30
C ARG A 21 -6.24 -2.64 -0.23
N SER A 22 -7.58 -2.57 -0.27
CA SER A 22 -8.42 -1.51 0.31
C SER A 22 -8.23 -1.31 1.80
N GLY A 23 -7.09 -0.72 2.25
CA GLY A 23 -6.58 -0.79 3.62
C GLY A 23 -5.30 -1.57 3.85
N LYS A 24 -4.89 -2.53 2.99
CA LYS A 24 -3.59 -3.20 3.13
C LYS A 24 -2.73 -2.94 1.91
N CYS A 25 -1.38 -2.73 1.97
CA CYS A 25 -0.55 -2.68 0.76
C CYS A 25 0.23 -3.96 0.65
N CYS A 1 11.47 2.01 3.52
CA CYS A 1 10.39 2.17 2.56
C CYS A 1 9.06 1.98 3.26
N LYS A 2 7.94 1.76 2.54
CA LYS A 2 6.62 1.63 3.17
C LYS A 2 6.45 0.13 3.36
N ALA A 3 5.90 -0.36 4.50
CA ALA A 3 6.14 -1.75 4.92
C ALA A 3 4.89 -2.59 4.75
N ALA A 4 4.96 -3.79 4.11
CA ALA A 4 3.76 -4.53 3.72
C ALA A 4 2.78 -4.62 4.87
N GLY A 5 1.46 -4.33 4.65
CA GLY A 5 0.50 -4.32 5.75
C GLY A 5 0.06 -2.93 6.19
N LYS A 6 0.58 -1.83 5.60
CA LYS A 6 0.35 -0.48 6.14
C LYS A 6 -0.73 0.20 5.31
N PRO A 7 -1.39 1.30 5.77
CA PRO A 7 -2.64 1.71 5.14
C PRO A 7 -2.46 2.17 3.72
N CYS A 8 -3.33 1.72 2.79
CA CYS A 8 -3.20 2.08 1.37
C CYS A 8 -4.44 2.67 0.74
N SER A 9 -4.27 3.63 -0.19
CA SER A 9 -5.40 4.19 -0.93
C SER A 9 -5.05 4.10 -2.41
N ARG A 10 -5.74 3.25 -3.21
CA ARG A 10 -5.43 3.13 -4.65
C ARG A 10 -5.59 4.38 -5.48
N ILE A 11 -5.72 5.61 -4.90
CA ILE A 11 -5.55 6.83 -5.69
C ILE A 11 -4.09 7.22 -5.55
N ALA A 12 -3.50 7.15 -4.33
CA ALA A 12 -2.10 7.51 -4.14
C ALA A 12 -1.39 6.24 -3.72
N TYR A 13 -0.60 5.60 -4.62
CA TYR A 13 0.05 4.33 -4.28
C TYR A 13 1.54 4.54 -4.09
N ASN A 14 2.15 4.16 -2.95
CA ASN A 14 3.61 4.08 -2.88
C ASN A 14 4.04 2.79 -2.20
N CYS A 15 3.81 1.54 -2.70
CA CYS A 15 4.12 0.37 -1.87
C CYS A 15 5.52 -0.14 -2.14
N CYS A 16 6.24 -0.69 -1.11
CA CYS A 16 7.60 -1.17 -1.37
C CYS A 16 7.51 -2.39 -2.25
N THR A 17 6.76 -3.43 -1.81
CA THR A 17 6.49 -4.59 -2.65
C THR A 17 5.01 -4.86 -2.68
N GLY A 18 4.27 -4.57 -3.78
CA GLY A 18 2.91 -5.07 -3.92
C GLY A 18 1.90 -4.10 -4.50
N SER A 19 0.61 -4.32 -4.18
CA SER A 19 -0.52 -3.66 -4.82
C SER A 19 -1.36 -2.91 -3.81
N CYS A 20 -2.01 -1.80 -4.19
CA CYS A 20 -2.72 -0.99 -3.20
C CYS A 20 -4.08 -1.62 -3.02
N ARG A 21 -4.38 -2.07 -1.78
CA ARG A 21 -5.55 -2.87 -1.46
C ARG A 21 -6.40 -2.18 -0.42
N SER A 22 -7.74 -2.47 -0.38
CA SER A 22 -8.68 -1.86 0.55
C SER A 22 -8.18 -1.94 1.98
N GLY A 23 -7.21 -1.05 2.32
CA GLY A 23 -6.65 -1.00 3.66
C GLY A 23 -5.22 -1.48 3.72
N LYS A 24 -4.71 -2.30 2.77
CA LYS A 24 -3.37 -2.86 2.90
C LYS A 24 -2.54 -2.43 1.72
N CYS A 25 -1.22 -2.22 1.86
CA CYS A 25 -0.38 -1.85 0.72
C CYS A 25 0.43 -3.06 0.33
N CYS A 1 10.78 3.09 1.84
CA CYS A 1 9.45 2.86 1.30
C CYS A 1 8.59 2.17 2.36
N LYS A 2 7.34 1.74 2.05
CA LYS A 2 6.42 1.28 3.10
C LYS A 2 6.55 -0.20 3.38
N ALA A 3 5.88 -0.71 4.43
CA ALA A 3 6.05 -2.09 4.85
C ALA A 3 4.74 -2.76 4.51
N ALA A 4 4.77 -3.75 3.59
CA ALA A 4 3.55 -4.36 3.09
C ALA A 4 2.59 -4.73 4.20
N GLY A 5 1.29 -4.40 4.04
CA GLY A 5 0.29 -4.60 5.09
C GLY A 5 -0.16 -3.30 5.72
N LYS A 6 0.45 -2.12 5.40
CA LYS A 6 0.22 -0.91 6.20
C LYS A 6 -0.73 0.04 5.47
N PRO A 7 -1.33 1.07 6.14
CA PRO A 7 -2.28 1.97 5.48
C PRO A 7 -1.96 2.48 4.09
N CYS A 8 -2.56 1.91 3.02
CA CYS A 8 -2.47 2.49 1.67
C CYS A 8 -3.79 2.54 0.95
N SER A 9 -3.98 3.52 0.03
CA SER A 9 -5.22 3.60 -0.74
C SER A 9 -4.83 3.44 -2.20
N ARG A 10 -5.43 2.48 -2.94
CA ARG A 10 -5.01 2.21 -4.32
C ARG A 10 -5.22 3.33 -5.32
N ILE A 11 -5.52 4.59 -4.93
CA ILE A 11 -5.42 5.72 -5.87
C ILE A 11 -4.11 6.43 -5.62
N ALA A 12 -3.64 6.62 -4.36
CA ALA A 12 -2.37 7.30 -4.11
C ALA A 12 -1.48 6.39 -3.27
N TYR A 13 -0.68 5.46 -3.86
CA TYR A 13 0.22 4.62 -3.07
C TYR A 13 1.65 4.60 -3.56
N ASN A 14 2.67 4.87 -2.70
CA ASN A 14 4.06 4.58 -3.04
C ASN A 14 4.56 3.53 -2.06
N CYS A 15 4.42 2.20 -2.32
CA CYS A 15 4.83 1.21 -1.30
C CYS A 15 6.17 0.58 -1.61
N CYS A 16 6.75 -0.21 -0.66
CA CYS A 16 7.93 -0.99 -1.03
C CYS A 16 7.53 -1.98 -2.11
N THR A 17 7.03 -3.20 -1.80
CA THR A 17 6.57 -4.11 -2.84
C THR A 17 5.19 -4.60 -2.48
N GLY A 18 4.28 -4.82 -3.47
CA GLY A 18 2.97 -5.41 -3.17
C GLY A 18 1.85 -4.74 -3.93
N SER A 19 0.59 -4.90 -3.43
CA SER A 19 -0.60 -4.44 -4.12
C SER A 19 -1.46 -3.61 -3.18
N CYS A 20 -2.04 -2.44 -3.58
CA CYS A 20 -2.81 -1.64 -2.63
C CYS A 20 -4.25 -2.09 -2.64
N ARG A 21 -4.77 -2.38 -1.41
CA ARG A 21 -6.04 -3.06 -1.20
C ARG A 21 -6.83 -2.20 -0.24
N SER A 22 -8.18 -2.25 -0.25
CA SER A 22 -9.02 -1.35 0.56
C SER A 22 -8.54 -1.27 2.00
N GLY A 23 -7.48 -0.46 2.23
CA GLY A 23 -6.91 -0.23 3.56
C GLY A 23 -5.51 -0.79 3.74
N LYS A 24 -5.07 -1.82 2.99
CA LYS A 24 -3.77 -2.45 3.26
C LYS A 24 -2.83 -2.27 2.09
N CYS A 25 -1.49 -2.38 2.29
CA CYS A 25 -0.56 -2.44 1.16
C CYS A 25 -0.08 -3.85 0.92
N CYS A 1 11.60 2.21 3.50
CA CYS A 1 10.53 2.50 2.56
C CYS A 1 9.20 2.28 3.25
N LYS A 2 8.14 1.86 2.53
CA LYS A 2 6.84 1.57 3.15
C LYS A 2 6.81 0.06 3.27
N ALA A 3 6.01 -0.56 4.16
CA ALA A 3 6.05 -2.01 4.37
C ALA A 3 4.68 -2.58 4.09
N ALA A 4 4.59 -3.60 3.19
CA ALA A 4 3.30 -4.18 2.86
C ALA A 4 2.58 -4.57 4.15
N GLY A 5 1.26 -4.28 4.25
CA GLY A 5 0.54 -4.45 5.51
C GLY A 5 0.11 -3.13 6.13
N LYS A 6 0.56 -1.96 5.63
CA LYS A 6 0.27 -0.68 6.29
C LYS A 6 -0.67 0.17 5.47
N PRO A 7 -1.34 1.23 6.02
CA PRO A 7 -2.41 1.91 5.30
C PRO A 7 -2.11 2.40 3.90
N CYS A 8 -2.94 2.03 2.90
CA CYS A 8 -2.73 2.39 1.49
C CYS A 8 -3.97 2.93 0.82
N SER A 9 -3.83 3.80 -0.21
CA SER A 9 -4.98 4.23 -1.00
C SER A 9 -4.66 4.00 -2.46
N ARG A 10 -5.32 3.04 -3.17
CA ARG A 10 -4.94 2.71 -4.55
C ARG A 10 -4.88 3.92 -5.47
N ILE A 11 -5.47 5.08 -5.11
CA ILE A 11 -5.37 6.26 -5.97
C ILE A 11 -4.05 6.93 -5.63
N ALA A 12 -3.61 6.96 -4.35
CA ALA A 12 -2.33 7.56 -3.98
C ALA A 12 -1.47 6.58 -3.21
N TYR A 13 -0.82 5.56 -3.85
CA TYR A 13 0.01 4.59 -3.11
C TYR A 13 1.40 4.44 -3.69
N ASN A 14 2.52 4.55 -2.91
CA ASN A 14 3.86 4.21 -3.41
C ASN A 14 4.55 3.17 -2.55
N CYS A 15 4.01 1.94 -2.30
CA CYS A 15 4.58 1.10 -1.24
C CYS A 15 5.66 0.17 -1.72
N CYS A 16 6.51 -0.41 -0.82
CA CYS A 16 7.74 -1.06 -1.33
C CYS A 16 7.31 -2.12 -2.31
N THR A 17 6.68 -3.21 -1.83
CA THR A 17 6.25 -4.29 -2.72
C THR A 17 4.79 -4.58 -2.48
N GLY A 18 3.94 -4.79 -3.52
CA GLY A 18 2.62 -5.35 -3.31
C GLY A 18 1.51 -4.60 -4.02
N SER A 19 0.25 -4.79 -3.53
CA SER A 19 -0.96 -4.27 -4.18
C SER A 19 -1.79 -3.53 -3.17
N CYS A 20 -2.44 -2.38 -3.48
CA CYS A 20 -3.25 -1.72 -2.47
C CYS A 20 -4.63 -2.34 -2.52
N ARG A 21 -5.03 -2.99 -1.40
CA ARG A 21 -6.34 -3.61 -1.24
C ARG A 21 -7.06 -2.80 -0.19
N SER A 22 -8.41 -2.84 -0.13
CA SER A 22 -9.21 -1.92 0.68
C SER A 22 -8.60 -1.58 2.02
N GLY A 23 -7.58 -0.70 2.00
CA GLY A 23 -6.96 -0.20 3.23
C GLY A 23 -5.57 -0.73 3.49
N LYS A 24 -5.10 -1.84 2.89
CA LYS A 24 -3.82 -2.46 3.28
C LYS A 24 -2.86 -2.54 2.11
N CYS A 25 -1.52 -2.33 2.26
CA CYS A 25 -0.61 -2.37 1.11
C CYS A 25 0.04 -3.72 0.98
N CYS A 1 11.61 2.36 3.23
CA CYS A 1 10.47 2.32 2.32
C CYS A 1 9.24 1.89 3.08
N LYS A 2 8.09 1.63 2.41
CA LYS A 2 6.86 1.30 3.15
C LYS A 2 6.73 -0.18 3.38
N ALA A 3 5.88 -0.57 4.35
CA ALA A 3 5.70 -1.97 4.69
C ALA A 3 4.34 -2.36 4.19
N ALA A 4 4.32 -3.25 3.16
CA ALA A 4 3.07 -3.82 2.69
C ALA A 4 2.32 -4.32 3.91
N GLY A 5 1.02 -3.96 4.06
CA GLY A 5 0.31 -4.20 5.31
C GLY A 5 -0.15 -2.94 6.02
N LYS A 6 0.16 -1.68 5.63
CA LYS A 6 -0.26 -0.52 6.43
C LYS A 6 -1.41 0.20 5.77
N PRO A 7 -2.17 1.12 6.45
CA PRO A 7 -3.29 1.80 5.79
C PRO A 7 -2.88 2.58 4.55
N CYS A 8 -3.22 2.06 3.34
CA CYS A 8 -2.95 2.75 2.07
C CYS A 8 -4.18 2.84 1.21
N SER A 9 -4.23 3.83 0.29
CA SER A 9 -5.41 4.01 -0.55
C SER A 9 -5.00 3.85 -1.99
N ARG A 10 -5.67 2.95 -2.76
CA ARG A 10 -5.38 2.79 -4.19
C ARG A 10 -5.65 3.96 -5.11
N ILE A 11 -5.54 5.21 -4.65
CA ILE A 11 -5.37 6.35 -5.55
C ILE A 11 -3.87 6.60 -5.63
N ALA A 12 -3.14 6.57 -4.48
CA ALA A 12 -1.69 6.75 -4.51
C ALA A 12 -1.07 5.49 -3.99
N TYR A 13 -0.34 4.71 -4.82
CA TYR A 13 0.34 3.50 -4.33
C TYR A 13 1.83 3.78 -4.34
N ASN A 14 2.55 3.68 -3.19
CA ASN A 14 4.00 3.51 -3.24
C ASN A 14 4.44 2.37 -2.35
N CYS A 15 3.86 1.15 -2.45
CA CYS A 15 4.14 0.13 -1.43
C CYS A 15 5.50 -0.41 -1.79
N CYS A 16 6.36 -0.77 -0.82
CA CYS A 16 7.73 -1.14 -1.18
C CYS A 16 7.66 -2.38 -2.05
N THR A 17 6.89 -3.41 -1.62
CA THR A 17 6.61 -4.55 -2.48
C THR A 17 5.12 -4.83 -2.51
N GLY A 18 4.36 -4.42 -3.55
CA GLY A 18 2.97 -4.88 -3.69
C GLY A 18 2.00 -3.87 -4.24
N SER A 19 0.69 -4.08 -3.97
CA SER A 19 -0.40 -3.34 -4.61
C SER A 19 -1.32 -2.73 -3.58
N CYS A 20 -1.91 -1.53 -3.80
CA CYS A 20 -2.78 -0.97 -2.78
C CYS A 20 -4.13 -1.62 -2.98
N ARG A 21 -4.64 -2.21 -1.87
CA ARG A 21 -5.80 -3.10 -1.86
C ARG A 21 -6.73 -2.54 -0.81
N SER A 22 -8.06 -2.78 -0.84
CA SER A 22 -9.04 -2.11 0.01
C SER A 22 -8.57 -1.89 1.45
N GLY A 23 -7.70 -0.87 1.65
CA GLY A 23 -7.21 -0.51 2.98
C GLY A 23 -5.78 -0.92 3.23
N LYS A 24 -5.17 -1.84 2.44
CA LYS A 24 -3.89 -2.44 2.81
C LYS A 24 -2.84 -2.18 1.73
N CYS A 25 -1.54 -2.01 2.06
CA CYS A 25 -0.50 -1.78 1.04
C CYS A 25 0.22 -3.07 0.74
N CYS A 1 11.25 2.03 3.37
CA CYS A 1 10.33 2.16 2.25
C CYS A 1 8.91 2.02 2.79
N LYS A 2 7.87 1.88 1.94
CA LYS A 2 6.48 1.95 2.42
C LYS A 2 6.05 0.53 2.69
N ALA A 3 5.75 0.09 3.93
CA ALA A 3 5.90 -1.32 4.25
C ALA A 3 4.57 -2.04 4.15
N ALA A 4 4.57 -3.20 3.44
CA ALA A 4 3.34 -3.93 3.18
C ALA A 4 2.62 -4.22 4.48
N GLY A 5 1.29 -4.02 4.54
CA GLY A 5 0.53 -4.19 5.78
C GLY A 5 0.03 -2.88 6.35
N LYS A 6 0.40 -1.68 5.84
CA LYS A 6 0.03 -0.42 6.51
C LYS A 6 -0.98 0.37 5.71
N PRO A 7 -1.73 1.35 6.29
CA PRO A 7 -2.84 1.98 5.58
C PRO A 7 -2.48 2.74 4.32
N CYS A 8 -2.91 2.24 3.12
CA CYS A 8 -2.66 2.92 1.84
C CYS A 8 -3.88 2.96 0.95
N SER A 9 -4.00 3.97 0.05
CA SER A 9 -5.16 4.04 -0.84
C SER A 9 -4.65 4.00 -2.27
N ARG A 10 -5.00 2.97 -3.08
CA ARG A 10 -4.48 2.83 -4.45
C ARG A 10 -4.77 3.95 -5.45
N ILE A 11 -5.20 5.17 -5.03
CA ILE A 11 -5.17 6.31 -5.94
C ILE A 11 -3.82 6.96 -5.73
N ALA A 12 -3.35 7.16 -4.47
CA ALA A 12 -2.08 7.85 -4.21
C ALA A 12 -1.15 6.95 -3.42
N TYR A 13 -0.67 5.82 -4.00
CA TYR A 13 0.17 4.88 -3.26
C TYR A 13 1.45 4.48 -3.96
N ASN A 14 2.61 4.35 -3.27
CA ASN A 14 3.63 3.39 -3.73
C ASN A 14 3.78 2.37 -2.63
N CYS A 15 3.73 1.02 -2.85
CA CYS A 15 4.03 0.08 -1.76
C CYS A 15 5.47 -0.33 -1.98
N CYS A 16 6.20 -0.75 -0.92
CA CYS A 16 7.56 -1.21 -1.11
C CYS A 16 7.50 -2.46 -1.96
N THR A 17 6.70 -3.47 -1.54
CA THR A 17 6.55 -4.71 -2.31
C THR A 17 5.09 -5.03 -2.53
N GLY A 18 4.41 -4.48 -3.56
CA GLY A 18 3.09 -4.98 -3.94
C GLY A 18 2.04 -3.96 -4.31
N SER A 19 0.75 -4.31 -4.13
CA SER A 19 -0.40 -3.53 -4.60
C SER A 19 -1.33 -3.21 -3.46
N CYS A 20 -2.03 -2.05 -3.42
CA CYS A 20 -2.86 -1.74 -2.25
C CYS A 20 -4.18 -2.45 -2.39
N ARG A 21 -4.58 -3.15 -1.31
CA ARG A 21 -5.77 -4.01 -1.26
C ARG A 21 -6.68 -3.27 -0.30
N SER A 22 -8.02 -3.34 -0.38
CA SER A 22 -8.92 -2.39 0.31
C SER A 22 -8.47 -1.99 1.70
N GLY A 23 -7.50 -1.03 1.79
CA GLY A 23 -7.02 -0.51 3.07
C GLY A 23 -5.59 -0.86 3.41
N LYS A 24 -4.94 -1.82 2.74
CA LYS A 24 -3.64 -2.38 3.17
C LYS A 24 -2.60 -2.17 2.08
N CYS A 25 -1.28 -2.05 2.37
CA CYS A 25 -0.26 -1.94 1.31
C CYS A 25 0.45 -3.25 1.09
N CYS A 1 11.70 1.55 3.75
CA CYS A 1 10.73 1.77 2.69
C CYS A 1 9.34 1.50 3.24
N LYS A 2 8.30 1.30 2.40
CA LYS A 2 6.92 1.14 2.90
C LYS A 2 6.67 -0.31 3.23
N ALA A 3 5.76 -0.62 4.19
CA ALA A 3 5.62 -2.00 4.62
C ALA A 3 4.27 -2.51 4.14
N ALA A 4 4.23 -3.60 3.35
CA ALA A 4 2.95 -4.20 2.99
C ALA A 4 2.20 -4.45 4.27
N GLY A 5 0.88 -4.10 4.33
CA GLY A 5 0.14 -4.09 5.60
C GLY A 5 -0.20 -2.70 6.10
N LYS A 6 0.31 -1.57 5.52
CA LYS A 6 0.12 -0.25 6.13
C LYS A 6 -0.94 0.55 5.40
N PRO A 7 -1.58 1.61 6.00
CA PRO A 7 -2.70 2.28 5.34
C PRO A 7 -2.41 2.81 3.95
N CYS A 8 -3.05 2.21 2.91
CA CYS A 8 -2.89 2.62 1.51
C CYS A 8 -4.22 2.85 0.83
N SER A 9 -4.26 3.73 -0.19
CA SER A 9 -5.45 3.79 -1.06
C SER A 9 -4.98 3.68 -2.48
N ARG A 10 -5.53 2.74 -3.32
CA ARG A 10 -5.02 2.55 -4.68
C ARG A 10 -5.10 3.77 -5.60
N ILE A 11 -5.55 4.96 -5.14
CA ILE A 11 -5.48 6.16 -5.97
C ILE A 11 -4.16 6.83 -5.67
N ALA A 12 -3.67 6.87 -4.40
CA ALA A 12 -2.39 7.52 -4.10
C ALA A 12 -1.47 6.60 -3.32
N TYR A 13 -0.93 5.51 -3.90
CA TYR A 13 -0.05 4.60 -3.16
C TYR A 13 1.27 4.30 -3.85
N ASN A 14 2.42 4.27 -3.14
CA ASN A 14 3.53 3.40 -3.56
C ASN A 14 3.79 2.42 -2.43
N CYS A 15 3.92 1.08 -2.63
CA CYS A 15 4.33 0.19 -1.53
C CYS A 15 5.79 -0.11 -1.77
N CYS A 16 6.56 -0.72 -0.84
CA CYS A 16 7.92 -1.08 -1.20
C CYS A 16 7.81 -2.10 -2.30
N THR A 17 7.08 -3.22 -2.06
CA THR A 17 6.73 -4.14 -3.13
C THR A 17 5.25 -4.45 -3.06
N GLY A 18 4.42 -4.21 -4.11
CA GLY A 18 3.07 -4.77 -4.14
C GLY A 18 1.98 -3.86 -4.64
N SER A 19 0.71 -4.18 -4.26
CA SER A 19 -0.48 -3.54 -4.79
C SER A 19 -1.35 -3.04 -3.66
N CYS A 20 -2.08 -1.91 -3.80
CA CYS A 20 -2.85 -1.41 -2.66
C CYS A 20 -4.16 -2.15 -2.61
N ARG A 21 -4.45 -2.73 -1.41
CA ARG A 21 -5.61 -3.57 -1.16
C ARG A 21 -6.47 -2.84 -0.15
N SER A 22 -7.79 -3.10 -0.11
CA SER A 22 -8.75 -2.31 0.67
C SER A 22 -8.25 -2.00 2.07
N GLY A 23 -7.34 -1.00 2.17
CA GLY A 23 -6.79 -0.57 3.44
C GLY A 23 -5.34 -0.95 3.63
N LYS A 24 -4.78 -1.96 2.93
CA LYS A 24 -3.42 -2.43 3.22
C LYS A 24 -2.51 -2.31 2.04
N CYS A 25 -1.20 -1.99 2.23
CA CYS A 25 -0.29 -1.76 1.11
C CYS A 25 0.37 -3.06 0.72
N CYS A 1 10.72 3.12 1.03
CA CYS A 1 9.36 2.77 0.63
C CYS A 1 8.56 2.38 1.86
N LYS A 2 7.24 2.08 1.69
CA LYS A 2 6.36 1.79 2.82
C LYS A 2 6.18 0.30 2.93
N ALA A 3 5.71 -0.28 4.07
CA ALA A 3 5.80 -1.71 4.28
C ALA A 3 4.44 -2.36 4.19
N ALA A 4 4.32 -3.42 3.35
CA ALA A 4 3.07 -4.17 3.25
C ALA A 4 2.49 -4.46 4.61
N GLY A 5 1.16 -4.25 4.78
CA GLY A 5 0.52 -4.35 6.10
C GLY A 5 0.08 -3.01 6.62
N LYS A 6 0.44 -1.85 6.00
CA LYS A 6 0.14 -0.54 6.57
C LYS A 6 -0.93 0.17 5.74
N PRO A 7 -1.60 1.27 6.23
CA PRO A 7 -2.65 1.89 5.44
C PRO A 7 -2.27 2.19 4.00
N CYS A 8 -3.01 1.65 3.01
CA CYS A 8 -2.72 1.87 1.60
C CYS A 8 -3.95 2.33 0.87
N SER A 9 -3.82 3.27 -0.08
CA SER A 9 -5.00 3.76 -0.81
C SER A 9 -4.75 3.58 -2.30
N ARG A 10 -5.64 2.87 -3.03
CA ARG A 10 -5.53 2.73 -4.50
C ARG A 10 -5.62 4.01 -5.29
N ILE A 11 -5.33 5.21 -4.75
CA ILE A 11 -5.04 6.38 -5.58
C ILE A 11 -3.54 6.58 -5.60
N ALA A 12 -2.86 6.54 -4.42
CA ALA A 12 -1.42 6.75 -4.37
C ALA A 12 -0.78 5.50 -3.82
N TYR A 13 0.05 4.76 -4.59
CA TYR A 13 0.78 3.63 -4.02
C TYR A 13 2.25 3.99 -3.96
N ASN A 14 2.88 4.05 -2.75
CA ASN A 14 4.34 4.12 -2.65
C ASN A 14 4.76 2.92 -1.83
N CYS A 15 4.30 1.69 -2.15
CA CYS A 15 4.47 0.58 -1.22
C CYS A 15 5.70 -0.21 -1.58
N CYS A 16 6.37 -0.82 -0.58
CA CYS A 16 7.61 -1.55 -0.86
C CYS A 16 7.28 -2.74 -1.72
N THR A 17 6.40 -3.66 -1.26
CA THR A 17 6.15 -4.90 -2.00
C THR A 17 4.68 -5.02 -2.33
N GLY A 18 4.20 -4.31 -3.38
CA GLY A 18 2.88 -4.60 -3.93
C GLY A 18 2.07 -3.38 -4.30
N SER A 19 0.72 -3.57 -4.35
CA SER A 19 -0.24 -2.58 -4.85
C SER A 19 -1.26 -2.32 -3.78
N CYS A 20 -1.90 -1.13 -3.70
CA CYS A 20 -2.73 -0.86 -2.53
C CYS A 20 -4.00 -1.66 -2.62
N ARG A 21 -4.34 -2.31 -1.49
CA ARG A 21 -5.44 -3.25 -1.39
C ARG A 21 -6.39 -2.60 -0.41
N SER A 22 -7.73 -2.77 -0.51
CA SER A 22 -8.70 -1.92 0.18
C SER A 22 -8.39 -1.66 1.64
N GLY A 23 -7.43 -0.74 1.90
CA GLY A 23 -7.04 -0.38 3.26
C GLY A 23 -5.69 -0.93 3.66
N LYS A 24 -5.18 -1.97 2.97
CA LYS A 24 -3.96 -2.67 3.39
C LYS A 24 -2.96 -2.69 2.25
N CYS A 25 -1.63 -2.57 2.47
CA CYS A 25 -0.67 -2.82 1.39
C CYS A 25 -0.22 -4.25 1.51
N CYS A 1 11.94 1.93 3.38
CA CYS A 1 10.86 2.04 2.40
C CYS A 1 9.54 1.75 3.08
N LYS A 2 8.41 1.59 2.34
CA LYS A 2 7.11 1.38 2.98
C LYS A 2 6.91 -0.10 3.21
N ALA A 3 5.88 -0.50 4.00
CA ALA A 3 5.74 -1.91 4.36
C ALA A 3 4.45 -2.44 3.75
N ALA A 4 4.50 -3.55 3.00
CA ALA A 4 3.25 -4.21 2.60
C ALA A 4 2.48 -4.53 3.87
N GLY A 5 1.16 -4.24 3.93
CA GLY A 5 0.39 -4.41 5.16
C GLY A 5 -0.06 -3.10 5.78
N LYS A 6 0.36 -1.91 5.29
CA LYS A 6 0.14 -0.66 6.03
C LYS A 6 -0.96 0.17 5.39
N PRO A 7 -1.61 1.15 6.10
CA PRO A 7 -2.71 1.90 5.50
C PRO A 7 -2.36 2.61 4.21
N CYS A 8 -2.77 2.04 3.04
CA CYS A 8 -2.61 2.70 1.73
C CYS A 8 -3.93 2.75 1.01
N SER A 9 -4.13 3.76 0.12
CA SER A 9 -5.40 3.88 -0.59
C SER A 9 -5.10 3.75 -2.07
N ARG A 10 -5.85 2.90 -2.81
CA ARG A 10 -5.60 2.66 -4.24
C ARG A 10 -5.79 3.81 -5.21
N ILE A 11 -5.59 5.08 -4.77
CA ILE A 11 -5.39 6.18 -5.70
C ILE A 11 -3.92 6.56 -5.71
N ALA A 12 -3.25 6.66 -4.54
CA ALA A 12 -1.84 7.05 -4.49
C ALA A 12 -1.06 5.92 -3.86
N TYR A 13 -0.41 5.03 -4.67
CA TYR A 13 0.38 3.94 -4.09
C TYR A 13 1.84 4.05 -4.47
N ASN A 14 2.80 4.14 -3.53
CA ASN A 14 4.18 3.75 -3.83
C ASN A 14 4.63 2.81 -2.70
N CYS A 15 4.32 1.49 -2.72
CA CYS A 15 4.68 0.65 -1.57
C CYS A 15 5.97 -0.06 -1.87
N CYS A 16 6.70 -0.57 -0.84
CA CYS A 16 7.98 -1.21 -1.15
C CYS A 16 7.74 -2.49 -1.91
N THR A 17 6.83 -3.36 -1.40
CA THR A 17 6.58 -4.63 -2.07
C THR A 17 5.11 -4.96 -2.28
N GLY A 18 4.35 -4.19 -3.12
CA GLY A 18 3.02 -4.64 -3.52
C GLY A 18 1.94 -3.60 -3.78
N SER A 19 0.66 -4.03 -3.65
CA SER A 19 -0.49 -3.37 -4.28
C SER A 19 -1.57 -2.99 -3.29
N CYS A 20 -2.33 -1.88 -3.53
CA CYS A 20 -3.29 -1.41 -2.54
C CYS A 20 -4.64 -2.08 -2.71
N ARG A 21 -5.11 -2.76 -1.62
CA ARG A 21 -6.36 -3.51 -1.58
C ARG A 21 -7.15 -2.82 -0.49
N SER A 22 -8.49 -2.68 -0.56
CA SER A 22 -9.25 -1.72 0.25
C SER A 22 -8.71 -1.45 1.64
N GLY A 23 -7.65 -0.58 1.70
CA GLY A 23 -7.13 -0.11 2.99
C GLY A 23 -5.74 -0.61 3.33
N LYS A 24 -5.24 -1.69 2.69
CA LYS A 24 -4.02 -2.37 3.10
C LYS A 24 -3.05 -2.38 1.94
N CYS A 25 -1.69 -2.31 2.11
CA CYS A 25 -0.80 -2.41 0.96
C CYS A 25 -0.22 -3.79 0.80
N CYS A 1 10.25 3.63 0.62
CA CYS A 1 9.84 2.27 0.96
C CYS A 1 9.00 2.27 2.22
N LYS A 2 7.73 1.84 2.13
CA LYS A 2 6.91 1.55 3.31
C LYS A 2 6.98 0.05 3.51
N ALA A 3 6.13 -0.60 4.32
CA ALA A 3 6.11 -2.06 4.41
C ALA A 3 4.71 -2.58 4.14
N ALA A 4 4.53 -3.52 3.18
CA ALA A 4 3.22 -4.11 2.92
C ALA A 4 2.58 -4.57 4.21
N GLY A 5 1.25 -4.32 4.38
CA GLY A 5 0.58 -4.57 5.66
C GLY A 5 0.18 -3.29 6.35
N LYS A 6 0.61 -2.09 5.90
CA LYS A 6 0.23 -0.83 6.56
C LYS A 6 -0.66 0.01 5.66
N PRO A 7 -1.42 1.03 6.17
CA PRO A 7 -2.49 1.62 5.37
C PRO A 7 -2.12 2.34 4.09
N CYS A 8 -2.74 1.96 2.94
CA CYS A 8 -2.49 2.62 1.65
C CYS A 8 -3.73 2.84 0.81
N SER A 9 -3.73 3.82 -0.13
CA SER A 9 -4.88 4.03 -1.00
C SER A 9 -4.45 3.73 -2.43
N ARG A 10 -5.11 2.76 -3.12
CA ARG A 10 -4.72 2.36 -4.47
C ARG A 10 -4.72 3.46 -5.51
N ILE A 11 -5.11 4.72 -5.22
CA ILE A 11 -4.98 5.76 -6.24
C ILE A 11 -3.60 6.35 -6.04
N ALA A 12 -3.17 6.64 -4.79
CA ALA A 12 -1.87 7.26 -4.55
C ALA A 12 -1.03 6.44 -3.61
N TYR A 13 -0.39 5.32 -4.05
CA TYR A 13 0.46 4.54 -3.14
C TYR A 13 1.88 4.35 -3.64
N ASN A 14 2.94 4.65 -2.82
CA ASN A 14 4.29 4.16 -3.09
C ASN A 14 4.65 3.31 -1.87
N CYS A 15 4.60 1.96 -1.92
CA CYS A 15 4.96 1.13 -0.75
C CYS A 15 6.30 0.50 -1.03
N CYS A 16 6.88 -0.38 -0.17
CA CYS A 16 8.06 -1.11 -0.63
C CYS A 16 7.58 -1.91 -1.83
N THR A 17 6.85 -3.03 -1.62
CA THR A 17 6.33 -3.83 -2.74
C THR A 17 4.89 -4.23 -2.51
N GLY A 18 4.11 -4.52 -3.58
CA GLY A 18 2.83 -5.21 -3.41
C GLY A 18 1.69 -4.53 -4.14
N SER A 19 0.44 -4.81 -3.70
CA SER A 19 -0.77 -4.26 -4.31
C SER A 19 -1.60 -3.59 -3.24
N CYS A 20 -2.22 -2.41 -3.50
CA CYS A 20 -2.98 -1.73 -2.46
C CYS A 20 -4.39 -2.24 -2.43
N ARG A 21 -4.87 -2.71 -1.25
CA ARG A 21 -6.18 -3.32 -1.08
C ARG A 21 -6.96 -2.45 -0.11
N SER A 22 -8.30 -2.44 -0.19
CA SER A 22 -9.15 -1.53 0.58
C SER A 22 -8.72 -1.41 2.02
N GLY A 23 -7.66 -0.60 2.25
CA GLY A 23 -7.13 -0.35 3.57
C GLY A 23 -5.72 -0.86 3.80
N LYS A 24 -5.19 -1.87 3.07
CA LYS A 24 -3.84 -2.40 3.39
C LYS A 24 -2.88 -2.18 2.25
N CYS A 25 -1.54 -2.23 2.48
CA CYS A 25 -0.60 -2.29 1.36
C CYS A 25 -0.01 -3.66 1.21
#